data_9JD6
#
_entry.id   9JD6
#
_cell.length_a   1.00
_cell.length_b   1.00
_cell.length_c   1.00
_cell.angle_alpha   90.00
_cell.angle_beta   90.00
_cell.angle_gamma   90.00
#
_symmetry.space_group_name_H-M   'P 1'
#
loop_
_entity.id
_entity.type
_entity.pdbx_description
1 polymer 'Sodium- and chloride-dependent taurine transporter'
2 non-polymer 2-acetamido-2-deoxy-beta-D-glucopyranose
3 non-polymer 'CHLORIDE ION'
4 non-polymer 'CHOLESTEROL HEMISUCCINATE'
5 non-polymer 'SODIUM ION'
6 non-polymer 'piperidine-4-sulfonic acid'
#
_entity_poly.entity_id   1
_entity_poly.type   'polypeptide(L)'
_entity_poly.pdbx_seq_one_letter_code
;MATKEKLQCLKDFHKDILKPSPGKSPGTRPEDEAEGKPPQREKWSSKIDFVLSVAGGFVGLGNVWRFPYLCYKNGGGAFL
IPYFIFLFGSGLPVFFLEIIIGQYTSEGGITCWEKICPLFSGIGYASVVIVSLLNVYYIVILAWATYYLFQSFQKELPWA
HCNHSWNTPHCMEDTMRKNKSVWITISSTNFTSPVIEFWERNVLSLSPGIDHPGSLKWDLALCLLLVWLVCFFCIWKGVR
STGKVVYFTATFPFAMLLVLLVRGLTLPGAGAGIKFYLYPDITRLEDPQVWIDAGTQIFFSYAICLGAMTSLGSYNKYKY
NSYRDCMLLGCLNSGTSFVSGFAIFSILGFMAQEQGVDIADVAESGPGLAFIAYPKAVTMMPLPTFWSILFFIMLLLLGL
DSQFVEVEGQITSLVDLYPSFLRKGYRREIFIAFVCSISYLLGLTMVTEGGMYVFQLFDYYAASGVCLLWVAFFECFVIA
WIYGGDNLYDGIEDMIGYRPGPWMKYSWAVITPVLCVGCFIFSLVKYVPLTYNKTYVYPNWAIGLGWSLALSSMLCVPLV
IVIRLCQTEGPFLVRVKYLLTPSRLEEELRRRTEPGLRSRLEVLFQ
;
_entity_poly.pdbx_strand_id   A
#
loop_
_chem_comp.id
_chem_comp.type
_chem_comp.name
_chem_comp.formula
A1EBD non-polymer 'piperidine-4-sulfonic acid' 'C5 H11 N O3 S'
CL non-polymer 'CHLORIDE ION' 'Cl -1'
NA non-polymer 'SODIUM ION' 'Na 1'
NAG D-saccharide, beta linking 2-acetamido-2-deoxy-beta-D-glucopyranose 'C8 H15 N O6'
Y01 non-polymer 'CHOLESTEROL HEMISUCCINATE' 'C31 H50 O4'
#
# COMPACT_ATOMS: atom_id res chain seq x y z
N ARG A 41 27.44 10.21 0.24
CA ARG A 41 28.52 10.09 1.21
C ARG A 41 28.21 9.01 2.24
N GLU A 42 27.51 7.97 1.81
CA GLU A 42 27.15 6.87 2.69
C GLU A 42 26.92 5.62 1.84
N LYS A 43 27.21 4.47 2.44
CA LYS A 43 27.02 3.20 1.78
C LYS A 43 26.70 2.15 2.84
N TRP A 44 26.09 1.05 2.38
CA TRP A 44 25.72 -0.02 3.30
C TRP A 44 26.95 -0.67 3.90
N SER A 45 26.83 -1.09 5.16
CA SER A 45 27.91 -1.75 5.88
C SER A 45 27.94 -3.25 5.67
N SER A 46 26.80 -3.86 5.33
CA SER A 46 26.73 -5.30 5.10
C SER A 46 25.99 -5.56 3.79
N LYS A 47 26.38 -6.66 3.14
CA LYS A 47 25.74 -7.04 1.89
C LYS A 47 24.30 -7.52 2.09
N ILE A 48 23.95 -7.92 3.32
CA ILE A 48 22.60 -8.41 3.61
C ILE A 48 21.67 -7.29 4.05
N ASP A 49 22.23 -6.15 4.51
CA ASP A 49 21.40 -5.04 4.96
C ASP A 49 20.54 -4.49 3.83
N PHE A 50 21.11 -4.35 2.63
CA PHE A 50 20.35 -3.86 1.49
C PHE A 50 19.20 -4.80 1.15
N VAL A 51 19.47 -6.11 1.17
CA VAL A 51 18.43 -7.08 0.84
C VAL A 51 17.30 -7.01 1.86
N LEU A 52 17.64 -6.94 3.14
CA LEU A 52 16.61 -6.86 4.17
C LEU A 52 15.82 -5.56 4.07
N SER A 53 16.50 -4.44 3.77
CA SER A 53 15.81 -3.16 3.64
C SER A 53 14.82 -3.19 2.48
N VAL A 54 15.25 -3.71 1.33
CA VAL A 54 14.36 -3.82 0.19
C VAL A 54 13.19 -4.74 0.50
N ALA A 55 13.48 -5.90 1.11
CA ALA A 55 12.43 -6.86 1.40
C ALA A 55 11.39 -6.28 2.34
N GLY A 56 11.84 -5.60 3.39
CA GLY A 56 10.91 -5.02 4.36
C GLY A 56 10.11 -3.91 3.72
N GLY A 57 10.68 -3.28 2.70
CA GLY A 57 9.99 -2.20 2.03
C GLY A 57 8.71 -2.64 1.36
N PHE A 58 8.72 -3.82 0.74
CA PHE A 58 7.54 -4.24 0.00
C PHE A 58 6.59 -5.26 0.67
N VAL A 59 6.96 -5.90 1.76
CA VAL A 59 5.98 -6.78 2.45
C VAL A 59 5.35 -5.98 3.60
N GLY A 60 4.03 -6.05 3.75
CA GLY A 60 3.39 -5.25 4.78
C GLY A 60 1.89 -5.16 4.61
N LEU A 61 1.30 -4.03 4.98
CA LEU A 61 -0.16 -3.89 4.92
C LEU A 61 -0.73 -3.70 3.51
N GLY A 62 0.10 -3.74 2.48
CA GLY A 62 -0.41 -3.62 1.12
C GLY A 62 -0.89 -4.94 0.54
N ASN A 63 -0.16 -6.02 0.82
CA ASN A 63 -0.45 -7.32 0.23
C ASN A 63 -1.20 -8.26 1.17
N VAL A 64 -1.62 -7.78 2.34
CA VAL A 64 -2.40 -8.58 3.28
C VAL A 64 -3.75 -7.94 3.59
N TRP A 65 -3.84 -6.62 3.45
CA TRP A 65 -5.07 -5.87 3.71
C TRP A 65 -5.71 -5.30 2.46
N ARG A 66 -4.96 -4.53 1.67
CA ARG A 66 -5.54 -3.88 0.49
C ARG A 66 -5.81 -4.89 -0.62
N PHE A 67 -4.89 -5.84 -0.82
CA PHE A 67 -5.04 -6.82 -1.88
C PHE A 67 -6.35 -7.60 -1.75
N PRO A 68 -6.67 -8.18 -0.58
CA PRO A 68 -8.01 -8.79 -0.45
C PRO A 68 -9.13 -7.79 -0.62
N TYR A 69 -8.93 -6.55 -0.16
CA TYR A 69 -9.96 -5.53 -0.34
C TYR A 69 -10.23 -5.25 -1.81
N LEU A 70 -9.16 -5.08 -2.60
CA LEU A 70 -9.34 -4.78 -4.02
C LEU A 70 -9.90 -5.99 -4.76
N CYS A 71 -9.43 -7.19 -4.42
CA CYS A 71 -9.97 -8.40 -5.04
C CYS A 71 -11.41 -8.67 -4.60
N TYR A 72 -11.84 -8.12 -3.48
CA TYR A 72 -13.22 -8.28 -3.00
C TYR A 72 -14.15 -7.22 -3.55
N LYS A 73 -13.62 -6.06 -3.92
CA LYS A 73 -14.46 -5.00 -4.48
C LYS A 73 -15.10 -5.46 -5.80
N ASN A 74 -14.35 -6.18 -6.62
CA ASN A 74 -14.84 -6.74 -7.87
C ASN A 74 -15.07 -8.23 -7.67
N GLY A 75 -16.28 -8.68 -7.98
CA GLY A 75 -16.64 -10.07 -7.74
C GLY A 75 -15.87 -11.03 -8.63
N GLY A 76 -15.81 -12.28 -8.17
CA GLY A 76 -15.14 -13.32 -8.93
C GLY A 76 -13.62 -13.16 -8.89
N GLY A 77 -12.98 -13.90 -9.80
CA GLY A 77 -11.53 -13.88 -9.91
C GLY A 77 -11.02 -13.08 -11.08
N ALA A 78 -11.85 -12.15 -11.58
CA ALA A 78 -11.46 -11.30 -12.69
C ALA A 78 -10.27 -10.41 -12.34
N PHE A 79 -9.97 -10.26 -11.04
CA PHE A 79 -8.80 -9.52 -10.61
C PHE A 79 -7.51 -10.19 -11.10
N LEU A 80 -7.52 -11.52 -11.20
CA LEU A 80 -6.28 -12.26 -11.44
C LEU A 80 -5.81 -12.17 -12.89
N ILE A 81 -6.71 -12.07 -13.86
CA ILE A 81 -6.32 -12.09 -15.27
C ILE A 81 -5.39 -10.93 -15.60
N PRO A 82 -5.70 -9.68 -15.22
CA PRO A 82 -4.72 -8.61 -15.43
C PRO A 82 -3.55 -8.66 -14.46
N TYR A 83 -3.71 -9.36 -13.33
CA TYR A 83 -2.67 -9.38 -12.30
C TYR A 83 -1.36 -9.95 -12.85
N PHE A 84 -1.42 -11.14 -13.44
CA PHE A 84 -0.21 -11.80 -13.92
C PHE A 84 0.36 -11.09 -15.13
N ILE A 85 -0.51 -10.62 -16.03
CA ILE A 85 -0.05 -9.95 -17.23
C ILE A 85 0.68 -8.67 -16.87
N PHE A 86 0.09 -7.86 -16.01
CA PHE A 86 0.75 -6.63 -15.57
C PHE A 86 2.02 -6.93 -14.79
N LEU A 87 2.00 -8.00 -13.98
CA LEU A 87 3.23 -8.40 -13.29
C LEU A 87 4.36 -8.63 -14.28
N PHE A 88 4.22 -9.64 -15.14
CA PHE A 88 5.29 -10.00 -16.07
C PHE A 88 5.55 -8.94 -17.12
N GLY A 89 4.66 -7.96 -17.28
CA GLY A 89 4.89 -6.92 -18.26
C GLY A 89 5.59 -5.68 -17.71
N SER A 90 5.24 -5.28 -16.49
CA SER A 90 5.76 -4.02 -15.97
C SER A 90 6.35 -4.14 -14.57
N GLY A 91 5.85 -5.05 -13.74
CA GLY A 91 6.27 -5.08 -12.36
C GLY A 91 7.74 -5.42 -12.20
N LEU A 92 8.11 -6.66 -12.53
CA LEU A 92 9.51 -7.05 -12.47
C LEU A 92 10.41 -6.22 -13.39
N PRO A 93 10.02 -5.92 -14.64
CA PRO A 93 10.89 -5.05 -15.46
C PRO A 93 11.21 -3.71 -14.81
N VAL A 94 10.20 -2.95 -14.40
CA VAL A 94 10.47 -1.69 -13.73
C VAL A 94 11.18 -1.93 -12.40
N PHE A 95 10.78 -2.96 -11.67
CA PHE A 95 11.43 -3.25 -10.39
C PHE A 95 12.94 -3.39 -10.56
N PHE A 96 13.37 -4.02 -11.66
CA PHE A 96 14.80 -4.02 -11.97
C PHE A 96 15.24 -2.64 -12.46
N LEU A 97 14.34 -1.91 -13.13
CA LEU A 97 14.74 -0.70 -13.85
C LEU A 97 15.19 0.41 -12.90
N GLU A 98 14.36 0.76 -11.91
CA GLU A 98 14.84 1.83 -11.02
C GLU A 98 15.97 1.36 -10.12
N ILE A 99 16.05 0.06 -9.82
CA ILE A 99 17.20 -0.45 -9.07
C ILE A 99 18.49 -0.22 -9.84
N ILE A 100 18.51 -0.60 -11.12
CA ILE A 100 19.73 -0.45 -11.92
C ILE A 100 20.02 1.03 -12.16
N ILE A 101 18.99 1.85 -12.33
CA ILE A 101 19.20 3.28 -12.49
C ILE A 101 19.82 3.87 -11.23
N GLY A 102 19.32 3.49 -10.05
CA GLY A 102 19.89 3.99 -8.82
C GLY A 102 21.33 3.56 -8.62
N GLN A 103 21.62 2.29 -8.92
CA GLN A 103 23.00 1.82 -8.76
C GLN A 103 23.93 2.49 -9.77
N TYR A 104 23.43 2.86 -10.95
CA TYR A 104 24.25 3.57 -11.91
C TYR A 104 24.44 5.03 -11.52
N THR A 105 23.45 5.63 -10.88
CA THR A 105 23.51 7.05 -10.52
C THR A 105 24.15 7.29 -9.16
N SER A 106 23.90 6.40 -8.18
CA SER A 106 24.42 6.56 -6.82
C SER A 106 24.02 7.91 -6.25
N GLU A 107 22.77 8.30 -6.46
CA GLU A 107 22.28 9.61 -6.04
C GLU A 107 20.77 9.50 -5.81
N GLY A 108 20.16 10.59 -5.36
CA GLY A 108 18.78 10.53 -4.89
C GLY A 108 17.78 10.22 -6.00
N GLY A 109 16.61 9.77 -5.57
CA GLY A 109 15.59 9.34 -6.51
C GLY A 109 15.06 10.46 -7.38
N ILE A 110 15.03 11.68 -6.85
CA ILE A 110 14.62 12.81 -7.66
C ILE A 110 15.62 13.09 -8.77
N THR A 111 16.91 12.90 -8.48
CA THR A 111 17.97 13.20 -9.43
C THR A 111 18.48 11.99 -10.21
N CYS A 112 18.05 10.78 -9.85
CA CYS A 112 18.46 9.62 -10.63
C CYS A 112 17.92 9.70 -12.05
N TRP A 113 16.65 10.12 -12.19
CA TRP A 113 16.10 10.34 -13.52
C TRP A 113 16.68 11.59 -14.17
N GLU A 114 17.14 12.55 -13.36
CA GLU A 114 17.80 13.73 -13.91
C GLU A 114 19.11 13.35 -14.60
N LYS A 115 19.85 12.41 -14.00
CA LYS A 115 21.09 11.94 -14.64
C LYS A 115 20.80 11.25 -15.96
N ILE A 116 19.72 10.45 -16.02
CA ILE A 116 19.39 9.76 -17.26
C ILE A 116 19.04 10.75 -18.36
N CYS A 117 18.24 11.77 -18.04
CA CYS A 117 17.85 12.78 -19.00
C CYS A 117 17.53 14.07 -18.24
N PRO A 118 17.94 15.23 -18.75
CA PRO A 118 17.63 16.48 -18.04
C PRO A 118 16.14 16.70 -17.82
N LEU A 119 15.32 16.32 -18.80
CA LEU A 119 13.87 16.44 -18.65
C LEU A 119 13.31 15.26 -17.87
N PHE A 120 11.98 15.21 -17.76
CA PHE A 120 11.23 14.13 -17.15
C PHE A 120 11.54 13.94 -15.66
N SER A 121 12.07 14.98 -15.00
CA SER A 121 12.16 14.95 -13.54
C SER A 121 10.79 15.04 -12.88
N GLY A 122 9.75 15.35 -13.67
CA GLY A 122 8.40 15.29 -13.16
C GLY A 122 8.05 13.91 -12.63
N ILE A 123 8.71 12.87 -13.15
CA ILE A 123 8.52 11.54 -12.59
C ILE A 123 8.93 11.51 -11.12
N GLY A 124 10.13 12.03 -10.81
CA GLY A 124 10.59 12.05 -9.43
C GLY A 124 9.74 12.94 -8.55
N TYR A 125 9.37 14.11 -9.06
CA TYR A 125 8.53 15.01 -8.27
C TYR A 125 7.14 14.42 -8.02
N ALA A 126 6.55 13.76 -9.01
CA ALA A 126 5.29 13.08 -8.80
C ALA A 126 5.44 11.94 -7.79
N SER A 127 6.57 11.24 -7.82
CA SER A 127 6.80 10.17 -6.85
C SER A 127 6.86 10.73 -5.43
N VAL A 128 7.57 11.83 -5.23
CA VAL A 128 7.68 12.38 -3.88
C VAL A 128 6.35 12.95 -3.42
N VAL A 129 5.59 13.58 -4.32
CA VAL A 129 4.27 14.06 -3.93
C VAL A 129 3.35 12.88 -3.59
N ILE A 130 3.44 11.79 -4.35
CA ILE A 130 2.63 10.61 -4.09
C ILE A 130 2.97 10.02 -2.72
N VAL A 131 4.25 9.90 -2.41
CA VAL A 131 4.63 9.30 -1.11
C VAL A 131 4.24 10.23 0.04
N SER A 132 4.36 11.55 -0.17
CA SER A 132 3.96 12.49 0.88
C SER A 132 2.47 12.41 1.14
N LEU A 133 1.65 12.30 0.09
CA LEU A 133 0.21 12.17 0.28
C LEU A 133 -0.20 10.76 0.66
N LEU A 134 0.68 9.78 0.51
CA LEU A 134 0.37 8.41 0.87
C LEU A 134 0.61 8.16 2.35
N ASN A 135 1.68 8.74 2.90
CA ASN A 135 1.98 8.56 4.32
C ASN A 135 0.82 8.99 5.20
N VAL A 136 0.14 10.08 4.81
CA VAL A 136 -0.88 10.70 5.65
C VAL A 136 -1.99 9.70 5.97
N TYR A 137 -2.51 9.02 4.95
CA TYR A 137 -3.55 8.04 5.22
C TYR A 137 -3.01 6.65 5.44
N TYR A 138 -1.71 6.42 5.22
CA TYR A 138 -1.16 5.11 5.49
C TYR A 138 -0.78 4.95 6.97
N ILE A 139 -0.68 6.05 7.70
CA ILE A 139 -0.41 5.96 9.12
C ILE A 139 -1.67 5.89 9.96
N VAL A 140 -2.82 6.34 9.43
CA VAL A 140 -4.06 6.30 10.19
C VAL A 140 -4.55 4.87 10.38
N ILE A 141 -4.33 4.00 9.40
CA ILE A 141 -4.66 2.59 9.56
C ILE A 141 -3.85 1.99 10.70
N LEU A 142 -2.57 2.36 10.79
CA LEU A 142 -1.75 1.92 11.92
C LEU A 142 -2.27 2.52 13.22
N ALA A 143 -2.78 3.75 13.17
CA ALA A 143 -3.32 4.38 14.37
C ALA A 143 -4.48 3.59 14.93
N TRP A 144 -5.46 3.26 14.10
CA TRP A 144 -6.55 2.46 14.68
C TRP A 144 -6.16 1.00 14.87
N ALA A 145 -5.11 0.51 14.21
CA ALA A 145 -4.58 -0.81 14.54
C ALA A 145 -4.03 -0.84 15.96
N THR A 146 -3.26 0.18 16.35
CA THR A 146 -2.75 0.22 17.71
C THR A 146 -3.86 0.55 18.71
N TYR A 147 -4.91 1.25 18.27
CA TYR A 147 -6.10 1.39 19.12
C TYR A 147 -6.72 0.02 19.39
N TYR A 148 -6.84 -0.82 18.35
CA TYR A 148 -7.31 -2.18 18.55
C TYR A 148 -6.40 -2.95 19.50
N LEU A 149 -5.08 -2.79 19.33
CA LEU A 149 -4.12 -3.49 20.20
C LEU A 149 -4.32 -3.10 21.66
N PHE A 150 -4.42 -1.80 21.93
CA PHE A 150 -4.61 -1.35 23.31
C PHE A 150 -5.96 -1.78 23.86
N GLN A 151 -6.99 -1.86 23.00
CA GLN A 151 -8.31 -2.30 23.42
C GLN A 151 -8.40 -3.82 23.55
N SER A 152 -7.38 -4.55 23.11
CA SER A 152 -7.37 -6.00 23.20
C SER A 152 -6.84 -6.55 24.51
N PHE A 153 -6.30 -5.70 25.40
CA PHE A 153 -5.72 -6.19 26.64
C PHE A 153 -6.80 -6.62 27.64
N GLN A 154 -8.06 -6.28 27.38
CA GLN A 154 -9.12 -6.58 28.33
C GLN A 154 -9.33 -8.08 28.44
N LYS A 155 -9.96 -8.49 29.55
CA LYS A 155 -10.22 -9.91 29.78
C LYS A 155 -11.17 -10.47 28.73
N GLU A 156 -12.21 -9.72 28.40
CA GLU A 156 -13.20 -10.12 27.41
C GLU A 156 -13.11 -9.21 26.19
N LEU A 157 -13.18 -9.81 25.01
CA LEU A 157 -13.07 -9.04 23.78
C LEU A 157 -14.28 -8.13 23.62
N PRO A 158 -14.09 -6.83 23.37
CA PRO A 158 -15.23 -5.93 23.25
C PRO A 158 -16.17 -6.25 22.08
N TRP A 159 -15.63 -6.81 20.99
CA TRP A 159 -16.43 -7.05 19.80
C TRP A 159 -17.08 -8.43 19.78
N ALA A 160 -16.96 -9.20 20.86
CA ALA A 160 -17.59 -10.51 20.95
C ALA A 160 -18.94 -10.47 21.64
N HIS A 161 -19.38 -9.31 22.10
CA HIS A 161 -20.66 -9.18 22.79
C HIS A 161 -21.50 -8.08 22.16
N CYS A 162 -22.79 -8.09 22.49
CA CYS A 162 -23.75 -7.20 21.85
C CYS A 162 -24.09 -5.96 22.68
N ASN A 163 -24.03 -6.05 24.02
CA ASN A 163 -24.46 -4.96 24.88
C ASN A 163 -23.29 -4.01 25.12
N HIS A 164 -23.38 -2.81 24.55
CA HIS A 164 -22.40 -1.76 24.76
C HIS A 164 -23.10 -0.41 24.60
N SER A 165 -22.41 0.65 25.01
CA SER A 165 -22.95 2.00 24.89
C SER A 165 -22.99 2.48 23.44
N TRP A 166 -22.36 1.77 22.51
CA TRP A 166 -22.34 2.15 21.10
C TRP A 166 -23.03 1.12 20.21
N ASN A 167 -24.05 0.44 20.73
CA ASN A 167 -24.75 -0.60 19.99
C ASN A 167 -26.23 -0.23 19.90
N THR A 168 -26.79 -0.37 18.70
CA THR A 168 -28.20 -0.14 18.41
C THR A 168 -29.04 -1.32 18.89
N PRO A 169 -30.36 -1.13 19.03
CA PRO A 169 -31.25 -2.27 19.29
C PRO A 169 -31.20 -3.31 18.17
N HIS A 170 -30.81 -2.87 16.97
CA HIS A 170 -30.63 -3.77 15.83
C HIS A 170 -29.28 -4.50 15.94
N CYS A 171 -29.15 -5.27 17.02
CA CYS A 171 -27.90 -5.97 17.34
C CYS A 171 -28.23 -7.44 17.61
N MET A 172 -27.90 -8.31 16.65
CA MET A 172 -28.10 -9.74 16.78
C MET A 172 -26.77 -10.46 16.65
N GLU A 173 -26.57 -11.48 17.49
CA GLU A 173 -25.34 -12.26 17.44
C GLU A 173 -25.29 -13.07 16.15
N ASP A 174 -24.12 -13.10 15.51
CA ASP A 174 -23.98 -13.82 14.25
C ASP A 174 -24.12 -15.32 14.41
N THR A 175 -23.84 -15.86 15.61
CA THR A 175 -24.01 -17.29 15.85
C THR A 175 -25.48 -17.68 15.74
N MET A 176 -26.38 -16.86 16.28
CA MET A 176 -27.81 -17.09 16.20
C MET A 176 -28.48 -16.23 15.13
N ARG A 177 -27.70 -15.57 14.28
CA ARG A 177 -28.29 -14.74 13.23
C ARG A 177 -29.07 -15.58 12.23
N LYS A 178 -28.55 -16.76 11.88
CA LYS A 178 -29.22 -17.64 10.93
C LYS A 178 -30.39 -18.39 11.55
N ASN A 179 -30.58 -18.30 12.88
CA ASN A 179 -31.67 -18.97 13.55
C ASN A 179 -33.03 -18.45 13.07
N THR A 189 -34.32 -8.46 7.06
CA THR A 189 -33.31 -7.71 6.32
C THR A 189 -32.99 -6.39 7.02
N ASN A 190 -33.09 -6.39 8.35
CA ASN A 190 -32.85 -5.18 9.14
C ASN A 190 -31.90 -5.48 10.29
N PHE A 191 -31.03 -6.47 10.13
CA PHE A 191 -30.17 -6.93 11.20
C PHE A 191 -28.71 -6.88 10.77
N THR A 192 -27.83 -6.64 11.74
CA THR A 192 -26.40 -6.60 11.52
C THR A 192 -25.71 -7.47 12.56
N SER A 193 -24.39 -7.53 12.46
CA SER A 193 -23.55 -8.31 13.37
C SER A 193 -22.83 -7.41 14.35
N PRO A 194 -22.49 -7.92 15.54
CA PRO A 194 -21.85 -7.07 16.56
C PRO A 194 -20.55 -6.42 16.09
N VAL A 195 -19.75 -7.14 15.31
CA VAL A 195 -18.49 -6.59 14.83
C VAL A 195 -18.72 -5.46 13.84
N ILE A 196 -19.76 -5.58 13.01
CA ILE A 196 -20.08 -4.50 12.08
C ILE A 196 -20.46 -3.23 12.83
N GLU A 197 -21.29 -3.35 13.86
CA GLU A 197 -21.66 -2.20 14.66
C GLU A 197 -20.45 -1.61 15.37
N PHE A 198 -19.59 -2.48 15.92
CA PHE A 198 -18.40 -2.00 16.62
C PHE A 198 -17.50 -1.20 15.69
N TRP A 199 -17.20 -1.74 14.51
CA TRP A 199 -16.25 -1.09 13.62
C TRP A 199 -16.68 0.31 13.22
N GLU A 200 -17.99 0.57 13.13
CA GLU A 200 -18.47 1.85 12.64
C GLU A 200 -19.05 2.73 13.73
N ARG A 201 -19.12 2.27 14.98
CA ARG A 201 -19.60 3.14 16.05
C ARG A 201 -18.71 3.22 17.28
N ASN A 202 -17.59 2.48 17.34
CA ASN A 202 -16.67 2.61 18.47
C ASN A 202 -15.33 3.17 18.02
N VAL A 203 -14.67 2.54 17.04
CA VAL A 203 -13.37 3.03 16.59
C VAL A 203 -13.52 4.42 15.98
N LEU A 204 -14.56 4.62 15.18
CA LEU A 204 -14.86 5.92 14.59
C LEU A 204 -16.37 5.98 14.37
N SER A 205 -17.01 6.99 14.93
CA SER A 205 -18.44 7.15 14.78
C SER A 205 -18.77 7.56 13.35
N LEU A 206 -19.77 6.91 12.76
CA LEU A 206 -20.10 7.13 11.36
C LEU A 206 -21.05 8.31 11.22
N SER A 207 -20.53 9.43 10.72
CA SER A 207 -21.33 10.58 10.35
C SER A 207 -22.16 10.23 9.13
N PRO A 208 -23.33 10.86 8.96
CA PRO A 208 -24.17 10.52 7.79
C PRO A 208 -23.55 10.90 6.45
N GLY A 209 -22.48 11.69 6.44
CA GLY A 209 -21.80 11.98 5.19
C GLY A 209 -20.59 12.87 5.42
N ILE A 210 -19.80 13.01 4.36
CA ILE A 210 -18.65 13.91 4.38
C ILE A 210 -19.10 15.37 4.49
N ASP A 211 -20.32 15.68 4.04
CA ASP A 211 -20.79 17.07 4.08
C ASP A 211 -21.00 17.54 5.51
N HIS A 212 -21.07 16.61 6.46
CA HIS A 212 -21.33 16.94 7.87
C HIS A 212 -20.22 16.39 8.75
N PRO A 213 -19.05 17.03 8.78
CA PRO A 213 -18.01 16.61 9.73
C PRO A 213 -18.44 16.91 11.15
N GLY A 214 -17.86 16.15 12.08
CA GLY A 214 -18.23 16.28 13.48
C GLY A 214 -17.12 16.77 14.39
N SER A 215 -17.04 16.19 15.58
CA SER A 215 -16.07 16.61 16.59
C SER A 215 -14.85 15.70 16.54
N LEU A 216 -13.67 16.31 16.62
CA LEU A 216 -12.42 15.56 16.58
C LEU A 216 -12.32 14.60 17.75
N LYS A 217 -12.14 13.31 17.44
CA LYS A 217 -11.95 12.31 18.47
C LYS A 217 -10.53 12.39 19.02
N TRP A 218 -10.38 12.15 20.32
CA TRP A 218 -9.09 12.30 20.99
C TRP A 218 -8.34 10.98 21.14
N ASP A 219 -9.04 9.85 21.25
CA ASP A 219 -8.37 8.56 21.40
C ASP A 219 -7.51 8.25 20.18
N LEU A 220 -8.10 8.33 18.98
CA LEU A 220 -7.35 8.04 17.76
C LEU A 220 -6.24 9.06 17.53
N ALA A 221 -6.49 10.33 17.87
CA ALA A 221 -5.45 11.34 17.73
C ALA A 221 -4.25 11.02 18.62
N LEU A 222 -4.51 10.63 19.87
CA LEU A 222 -3.42 10.27 20.77
C LEU A 222 -2.69 9.03 20.30
N CYS A 223 -3.42 8.03 19.79
CA CYS A 223 -2.78 6.83 19.29
C CYS A 223 -1.88 7.15 18.09
N LEU A 224 -2.36 8.01 17.18
CA LEU A 224 -1.57 8.36 16.01
C LEU A 224 -0.36 9.21 16.39
N LEU A 225 -0.51 10.08 17.39
CA LEU A 225 0.65 10.80 17.91
C LEU A 225 1.66 9.85 18.53
N LEU A 226 1.19 8.81 19.22
CA LEU A 226 2.09 7.81 19.77
C LEU A 226 2.83 7.08 18.64
N VAL A 227 2.13 6.77 17.55
CA VAL A 227 2.77 6.14 16.40
C VAL A 227 3.86 7.05 15.84
N TRP A 228 3.56 8.34 15.72
CA TRP A 228 4.56 9.28 15.24
C TRP A 228 5.75 9.40 16.19
N LEU A 229 5.52 9.34 17.50
CA LEU A 229 6.62 9.34 18.46
C LEU A 229 7.47 8.08 18.40
N VAL A 230 6.86 6.93 18.14
CA VAL A 230 7.61 5.70 17.91
C VAL A 230 8.42 5.77 16.62
N CYS A 231 7.89 6.45 15.60
CA CYS A 231 8.60 6.60 14.33
C CYS A 231 9.71 7.65 14.36
N PHE A 232 9.60 8.68 15.19
CA PHE A 232 10.55 9.79 15.20
C PHE A 232 11.84 9.40 15.93
N PHE A 233 11.71 8.84 17.13
CA PHE A 233 12.88 8.34 17.86
C PHE A 233 13.57 7.22 17.10
N CYS A 234 12.80 6.41 16.37
CA CYS A 234 13.36 5.34 15.57
C CYS A 234 14.12 5.87 14.35
N ILE A 235 13.98 7.15 14.02
CA ILE A 235 14.70 7.75 12.90
C ILE A 235 15.92 8.53 13.37
N TRP A 236 15.77 9.42 14.36
CA TRP A 236 16.95 10.22 14.67
C TRP A 236 17.91 9.48 15.58
N LYS A 237 17.48 8.33 16.13
CA LYS A 237 18.38 7.33 16.69
C LYS A 237 18.30 6.06 15.84
N GLY A 238 19.44 5.40 15.69
CA GLY A 238 19.48 4.10 15.03
C GLY A 238 18.98 4.10 13.60
N VAL A 239 19.59 4.93 12.74
CA VAL A 239 19.21 4.94 11.34
C VAL A 239 19.52 3.59 10.69
N ARG A 240 20.59 2.92 11.15
CA ARG A 240 20.93 1.61 10.62
C ARG A 240 20.01 0.50 11.13
N SER A 241 19.17 0.80 12.12
CA SER A 241 18.33 -0.22 12.74
C SER A 241 17.26 -0.74 11.78
N THR A 242 17.05 -0.10 10.63
CA THR A 242 16.09 -0.59 9.67
C THR A 242 16.47 -1.97 9.13
N GLY A 243 17.75 -2.35 9.23
CA GLY A 243 18.17 -3.66 8.79
C GLY A 243 19.29 -4.27 9.62
N LYS A 244 19.60 -3.68 10.76
CA LYS A 244 20.72 -4.13 11.56
C LYS A 244 20.31 -5.15 12.61
N VAL A 245 19.36 -4.78 13.48
CA VAL A 245 18.96 -5.67 14.57
C VAL A 245 17.75 -6.50 14.20
N VAL A 246 17.16 -6.28 13.03
CA VAL A 246 15.88 -6.88 12.67
C VAL A 246 16.04 -8.28 12.11
N TYR A 247 17.25 -8.85 12.17
CA TYR A 247 17.50 -10.14 11.54
C TYR A 247 16.63 -11.23 12.17
N PHE A 248 16.45 -11.19 13.49
CA PHE A 248 15.66 -12.24 14.14
C PHE A 248 14.18 -11.92 14.13
N THR A 249 13.82 -10.64 14.08
CA THR A 249 12.40 -10.28 14.00
C THR A 249 11.85 -10.43 12.61
N ALA A 250 12.71 -10.56 11.59
CA ALA A 250 12.22 -10.73 10.23
C ALA A 250 11.47 -12.03 10.02
N THR A 251 11.82 -13.09 10.76
CA THR A 251 11.12 -14.36 10.60
C THR A 251 9.80 -14.39 11.36
N PHE A 252 9.59 -13.45 12.28
CA PHE A 252 8.35 -13.43 13.07
C PHE A 252 7.11 -13.21 12.20
N PRO A 253 7.05 -12.20 11.31
CA PRO A 253 5.84 -12.05 10.50
C PRO A 253 5.54 -13.25 9.64
N PHE A 254 6.56 -13.91 9.10
CA PHE A 254 6.32 -15.09 8.27
C PHE A 254 5.77 -16.24 9.09
N ALA A 255 6.30 -16.44 10.30
CA ALA A 255 5.77 -17.50 11.17
C ALA A 255 4.33 -17.21 11.56
N MET A 256 4.02 -15.96 11.90
CA MET A 256 2.66 -15.60 12.27
C MET A 256 1.72 -15.77 11.08
N LEU A 257 2.17 -15.39 9.88
CA LEU A 257 1.35 -15.58 8.68
C LEU A 257 1.14 -17.05 8.38
N LEU A 258 2.14 -17.89 8.62
CA LEU A 258 1.97 -19.33 8.45
C LEU A 258 0.94 -19.88 9.42
N VAL A 259 0.99 -19.43 10.68
CA VAL A 259 0.00 -19.88 11.66
C VAL A 259 -1.40 -19.44 11.23
N LEU A 260 -1.53 -18.19 10.78
CA LEU A 260 -2.82 -17.70 10.31
C LEU A 260 -3.32 -18.49 9.11
N LEU A 261 -2.41 -18.82 8.18
CA LEU A 261 -2.79 -19.60 7.01
C LEU A 261 -3.29 -20.97 7.41
N VAL A 262 -2.59 -21.64 8.34
CA VAL A 262 -3.02 -22.95 8.78
C VAL A 262 -4.39 -22.88 9.47
N ARG A 263 -4.57 -21.87 10.33
CA ARG A 263 -5.85 -21.72 11.02
C ARG A 263 -6.99 -21.41 10.06
N GLY A 264 -6.76 -20.57 9.06
CA GLY A 264 -7.78 -20.26 8.07
C GLY A 264 -8.12 -21.43 7.19
N LEU A 265 -7.11 -22.18 6.76
CA LEU A 265 -7.36 -23.38 5.96
C LEU A 265 -8.14 -24.42 6.76
N THR A 266 -7.81 -24.58 8.04
CA THR A 266 -8.57 -25.47 8.90
C THR A 266 -9.99 -24.96 9.13
N LEU A 267 -10.20 -23.65 9.05
CA LEU A 267 -11.51 -23.07 9.31
C LEU A 267 -12.51 -23.54 8.25
N PRO A 268 -13.71 -23.94 8.65
CA PRO A 268 -14.69 -24.45 7.68
C PRO A 268 -15.21 -23.36 6.76
N GLY A 269 -15.89 -23.80 5.71
CA GLY A 269 -16.44 -22.89 4.72
C GLY A 269 -15.39 -22.14 3.92
N ALA A 270 -14.34 -22.83 3.49
CA ALA A 270 -13.28 -22.22 2.70
C ALA A 270 -13.35 -22.52 1.21
N GLY A 271 -14.14 -23.52 0.81
CA GLY A 271 -14.23 -23.84 -0.60
C GLY A 271 -14.83 -22.70 -1.41
N ALA A 272 -15.88 -22.07 -0.88
CA ALA A 272 -16.47 -20.92 -1.55
C ALA A 272 -15.48 -19.78 -1.66
N GLY A 273 -14.70 -19.53 -0.59
CA GLY A 273 -13.71 -18.50 -0.64
C GLY A 273 -12.63 -18.76 -1.69
N ILE A 274 -12.17 -20.01 -1.77
CA ILE A 274 -11.17 -20.37 -2.77
C ILE A 274 -11.73 -20.21 -4.18
N LYS A 275 -12.98 -20.64 -4.39
CA LYS A 275 -13.59 -20.50 -5.70
C LYS A 275 -13.74 -19.03 -6.09
N PHE A 276 -14.16 -18.20 -5.15
CA PHE A 276 -14.28 -16.77 -5.41
C PHE A 276 -12.93 -16.15 -5.72
N TYR A 277 -11.89 -16.56 -4.98
CA TYR A 277 -10.57 -15.99 -5.17
C TYR A 277 -9.97 -16.38 -6.51
N LEU A 278 -10.17 -17.63 -6.94
CA LEU A 278 -9.44 -18.16 -8.10
C LEU A 278 -10.21 -18.01 -9.40
N TYR A 279 -11.40 -18.60 -9.47
CA TYR A 279 -12.11 -18.69 -10.73
C TYR A 279 -12.50 -17.30 -11.24
N PRO A 280 -12.19 -16.95 -12.48
CA PRO A 280 -12.43 -15.60 -12.99
C PRO A 280 -13.86 -15.40 -13.47
N ASP A 281 -14.17 -14.13 -13.77
CA ASP A 281 -15.48 -13.72 -14.29
C ASP A 281 -15.24 -12.87 -15.53
N ILE A 282 -15.23 -13.53 -16.69
CA ILE A 282 -15.00 -12.82 -17.95
C ILE A 282 -16.18 -11.97 -18.36
N THR A 283 -17.32 -12.11 -17.68
CA THR A 283 -18.53 -11.40 -18.09
C THR A 283 -18.38 -9.88 -17.94
N ARG A 284 -17.71 -9.43 -16.87
CA ARG A 284 -17.64 -8.01 -16.55
C ARG A 284 -16.23 -7.45 -16.69
N LEU A 285 -15.50 -7.88 -17.73
CA LEU A 285 -14.17 -7.36 -17.99
C LEU A 285 -14.17 -6.10 -18.86
N GLU A 286 -15.31 -5.73 -19.44
CA GLU A 286 -15.33 -4.63 -20.40
C GLU A 286 -15.09 -3.29 -19.71
N ASP A 287 -15.72 -3.07 -18.55
CA ASP A 287 -15.50 -1.83 -17.84
C ASP A 287 -14.08 -1.80 -17.27
N PRO A 288 -13.45 -0.64 -17.17
CA PRO A 288 -12.04 -0.60 -16.80
C PRO A 288 -11.78 -0.60 -15.30
N GLN A 289 -12.82 -0.75 -14.46
CA GLN A 289 -12.61 -0.75 -13.03
C GLN A 289 -11.69 -1.87 -12.59
N VAL A 290 -11.97 -3.10 -13.04
CA VAL A 290 -11.19 -4.25 -12.61
C VAL A 290 -9.75 -4.16 -13.09
N TRP A 291 -9.55 -3.76 -14.35
CA TRP A 291 -8.19 -3.63 -14.87
C TRP A 291 -7.43 -2.54 -14.13
N ILE A 292 -8.10 -1.41 -13.85
CA ILE A 292 -7.43 -0.31 -13.15
C ILE A 292 -7.00 -0.76 -11.76
N ASP A 293 -7.90 -1.40 -11.00
CA ASP A 293 -7.55 -1.78 -9.65
C ASP A 293 -6.49 -2.88 -9.63
N ALA A 294 -6.55 -3.82 -10.59
CA ALA A 294 -5.55 -4.88 -10.63
C ALA A 294 -4.17 -4.32 -10.97
N GLY A 295 -4.08 -3.47 -12.00
CA GLY A 295 -2.80 -2.87 -12.34
C GLY A 295 -2.26 -2.01 -11.21
N THR A 296 -3.13 -1.23 -10.57
CA THR A 296 -2.67 -0.40 -9.47
C THR A 296 -2.24 -1.23 -8.28
N GLN A 297 -2.86 -2.39 -8.06
CA GLN A 297 -2.41 -3.27 -6.99
C GLN A 297 -1.03 -3.84 -7.30
N ILE A 298 -0.80 -4.24 -8.55
CA ILE A 298 0.54 -4.68 -8.94
C ILE A 298 1.54 -3.56 -8.69
N PHE A 299 1.20 -2.34 -9.04
CA PHE A 299 2.12 -1.23 -8.88
C PHE A 299 2.22 -0.73 -7.44
N PHE A 300 1.29 -1.15 -6.58
CA PHE A 300 1.22 -0.75 -5.19
C PHE A 300 2.01 -1.70 -4.28
N SER A 301 1.81 -3.01 -4.48
CA SER A 301 2.46 -3.98 -3.60
C SER A 301 3.98 -3.92 -3.73
N TYR A 302 4.50 -3.78 -4.95
CA TYR A 302 5.93 -3.72 -5.16
C TYR A 302 6.47 -2.31 -5.06
N ALA A 303 5.63 -1.33 -4.73
CA ALA A 303 6.05 0.05 -4.48
C ALA A 303 6.73 0.67 -5.70
N ILE A 304 6.16 0.45 -6.89
CA ILE A 304 6.65 1.12 -8.08
C ILE A 304 6.29 2.60 -8.00
N CYS A 305 7.16 3.46 -8.53
CA CYS A 305 6.97 4.89 -8.70
C CYS A 305 6.92 5.65 -7.38
N LEU A 306 7.39 5.07 -6.29
CA LEU A 306 7.43 5.75 -5.01
C LEU A 306 8.79 6.34 -4.68
N GLY A 307 9.79 6.16 -5.54
CA GLY A 307 11.11 6.70 -5.29
C GLY A 307 11.85 6.07 -4.15
N ALA A 308 11.42 4.90 -3.69
CA ALA A 308 12.07 4.21 -2.57
C ALA A 308 13.09 3.17 -3.05
N MET A 309 12.69 2.32 -3.99
CA MET A 309 13.60 1.30 -4.50
C MET A 309 14.79 1.93 -5.22
N THR A 310 14.56 3.05 -5.93
CA THR A 310 15.66 3.72 -6.60
C THR A 310 16.72 4.20 -5.60
N SER A 311 16.28 4.77 -4.48
CA SER A 311 17.24 5.20 -3.46
C SER A 311 17.90 4.01 -2.79
N LEU A 312 17.12 2.96 -2.50
CA LEU A 312 17.68 1.80 -1.83
C LEU A 312 18.77 1.15 -2.65
N GLY A 313 18.58 1.05 -3.97
CA GLY A 313 19.66 0.63 -4.84
C GLY A 313 20.71 1.67 -5.09
N SER A 314 20.39 2.95 -4.87
CA SER A 314 21.34 4.03 -5.12
C SER A 314 22.35 4.16 -3.99
N TYR A 315 22.03 3.60 -2.82
CA TYR A 315 22.99 3.61 -1.72
C TYR A 315 24.28 2.89 -2.13
N ASN A 316 24.14 1.75 -2.80
CA ASN A 316 25.31 0.97 -3.24
C ASN A 316 26.04 1.70 -4.36
N LYS A 317 27.35 1.45 -4.44
CA LYS A 317 28.16 2.03 -5.49
C LYS A 317 28.19 1.09 -6.69
N TYR A 318 29.03 1.41 -7.68
CA TYR A 318 29.13 0.62 -8.90
C TYR A 318 29.62 -0.79 -8.58
N LYS A 319 29.50 -1.67 -9.59
CA LYS A 319 30.01 -3.04 -9.52
C LYS A 319 29.43 -3.80 -8.34
N TYR A 320 28.10 -3.71 -8.19
CA TYR A 320 27.39 -4.47 -7.18
C TYR A 320 27.17 -5.89 -7.69
N ASN A 321 26.75 -6.79 -6.79
CA ASN A 321 26.57 -8.19 -7.14
C ASN A 321 25.48 -8.36 -8.21
N SER A 322 25.38 -9.58 -8.74
CA SER A 322 24.37 -9.89 -9.74
C SER A 322 22.98 -9.68 -9.17
N TYR A 323 22.08 -9.15 -10.01
CA TYR A 323 20.75 -8.76 -9.56
C TYR A 323 19.71 -9.85 -9.78
N ARG A 324 20.11 -11.12 -9.71
CA ARG A 324 19.13 -12.19 -9.59
C ARG A 324 18.30 -12.04 -8.32
N ASP A 325 18.82 -11.30 -7.33
CA ASP A 325 18.05 -11.00 -6.13
C ASP A 325 16.79 -10.22 -6.46
N CYS A 326 16.81 -9.43 -7.54
CA CYS A 326 15.59 -8.71 -7.92
C CYS A 326 14.47 -9.67 -8.29
N MET A 327 14.75 -10.62 -9.18
CA MET A 327 13.76 -11.64 -9.53
C MET A 327 13.45 -12.56 -8.37
N LEU A 328 14.38 -12.75 -7.43
CA LEU A 328 14.09 -13.52 -6.23
C LEU A 328 13.10 -12.80 -5.33
N LEU A 329 13.32 -11.51 -5.07
CA LEU A 329 12.45 -10.74 -4.20
C LEU A 329 11.08 -10.53 -4.83
N GLY A 330 11.04 -10.33 -6.15
CA GLY A 330 9.74 -10.22 -6.81
C GLY A 330 8.92 -11.48 -6.65
N CYS A 331 9.55 -12.64 -6.84
CA CYS A 331 8.85 -13.90 -6.64
C CYS A 331 8.44 -14.08 -5.18
N LEU A 332 9.31 -13.67 -4.25
CA LEU A 332 8.96 -13.77 -2.83
C LEU A 332 7.72 -12.95 -2.50
N ASN A 333 7.67 -11.71 -2.96
CA ASN A 333 6.52 -10.85 -2.67
C ASN A 333 5.27 -11.35 -3.37
N SER A 334 5.39 -11.81 -4.62
CA SER A 334 4.24 -12.37 -5.31
C SER A 334 3.70 -13.59 -4.57
N GLY A 335 4.59 -14.46 -4.10
CA GLY A 335 4.15 -15.62 -3.34
C GLY A 335 3.49 -15.24 -2.03
N THR A 336 4.05 -14.27 -1.32
CA THR A 336 3.47 -13.83 -0.05
C THR A 336 2.06 -13.28 -0.28
N SER A 337 1.90 -12.44 -1.30
CA SER A 337 0.58 -11.88 -1.62
C SER A 337 -0.38 -12.97 -2.06
N PHE A 338 0.12 -13.96 -2.79
CA PHE A 338 -0.74 -15.03 -3.30
C PHE A 338 -1.20 -15.96 -2.17
N VAL A 339 -0.36 -16.16 -1.17
CA VAL A 339 -0.71 -17.08 -0.07
C VAL A 339 -1.52 -16.38 1.01
N SER A 340 -1.29 -15.08 1.26
CA SER A 340 -2.10 -14.37 2.25
C SER A 340 -3.57 -14.34 1.83
N GLY A 341 -3.82 -14.16 0.54
CA GLY A 341 -5.18 -14.16 0.04
C GLY A 341 -5.90 -15.47 0.32
N PHE A 342 -5.17 -16.59 0.37
CA PHE A 342 -5.79 -17.86 0.69
C PHE A 342 -6.44 -17.81 2.07
N ALA A 343 -5.68 -17.41 3.09
CA ALA A 343 -6.23 -17.32 4.44
C ALA A 343 -7.33 -16.29 4.51
N ILE A 344 -7.13 -15.13 3.87
CA ILE A 344 -8.13 -14.07 3.97
C ILE A 344 -9.45 -14.52 3.35
N PHE A 345 -9.40 -15.10 2.15
CA PHE A 345 -10.64 -15.49 1.50
C PHE A 345 -11.26 -16.72 2.15
N SER A 346 -10.46 -17.59 2.80
CA SER A 346 -11.07 -18.67 3.56
C SER A 346 -11.85 -18.12 4.76
N ILE A 347 -11.28 -17.14 5.48
CA ILE A 347 -12.01 -16.62 6.63
C ILE A 347 -13.23 -15.81 6.19
N LEU A 348 -13.14 -15.09 5.06
CA LEU A 348 -14.34 -14.45 4.51
C LEU A 348 -15.38 -15.47 4.08
N GLY A 349 -14.95 -16.61 3.54
CA GLY A 349 -15.89 -17.68 3.23
C GLY A 349 -16.59 -18.20 4.47
N PHE A 350 -15.83 -18.37 5.56
CA PHE A 350 -16.45 -18.78 6.82
C PHE A 350 -17.44 -17.74 7.31
N MET A 351 -17.09 -16.45 7.21
CA MET A 351 -18.02 -15.40 7.61
C MET A 351 -19.28 -15.44 6.76
N ALA A 352 -19.14 -15.68 5.45
CA ALA A 352 -20.30 -15.75 4.57
C ALA A 352 -21.19 -16.94 4.92
N GLN A 353 -20.59 -18.10 5.20
CA GLN A 353 -21.38 -19.26 5.57
C GLN A 353 -22.00 -19.11 6.96
N GLU A 354 -21.43 -18.26 7.81
CA GLU A 354 -21.99 -18.05 9.15
C GLU A 354 -23.15 -17.07 9.11
N GLN A 355 -22.94 -15.89 8.52
CA GLN A 355 -23.99 -14.88 8.50
C GLN A 355 -25.17 -15.29 7.63
N GLY A 356 -24.92 -16.05 6.56
CA GLY A 356 -25.98 -16.51 5.70
C GLY A 356 -26.31 -15.59 4.53
N VAL A 357 -25.52 -14.55 4.31
CA VAL A 357 -25.75 -13.62 3.20
C VAL A 357 -24.71 -13.89 2.13
N ASP A 358 -24.88 -13.22 0.98
CA ASP A 358 -24.00 -13.42 -0.15
C ASP A 358 -22.57 -13.00 0.20
N ILE A 359 -21.60 -13.65 -0.46
CA ILE A 359 -20.19 -13.41 -0.15
C ILE A 359 -19.81 -11.97 -0.42
N ALA A 360 -20.34 -11.39 -1.49
CA ALA A 360 -20.01 -10.01 -1.85
C ALA A 360 -20.61 -8.98 -0.90
N ASP A 361 -21.49 -9.39 0.01
CA ASP A 361 -22.18 -8.45 0.89
C ASP A 361 -21.88 -8.66 2.37
N VAL A 362 -21.00 -9.60 2.73
CA VAL A 362 -20.76 -9.86 4.14
C VAL A 362 -20.00 -8.71 4.79
N ALA A 363 -18.99 -8.18 4.11
CA ALA A 363 -18.20 -7.08 4.64
C ALA A 363 -18.80 -5.76 4.14
N GLU A 364 -18.08 -4.65 4.35
CA GLU A 364 -18.52 -3.34 3.89
C GLU A 364 -18.00 -2.99 2.51
N SER A 365 -17.25 -3.89 1.88
CA SER A 365 -16.62 -3.66 0.57
C SER A 365 -15.68 -2.45 0.60
N GLY A 366 -15.23 -2.05 1.79
CA GLY A 366 -14.39 -0.91 1.95
C GLY A 366 -13.07 -1.24 2.61
N PRO A 367 -12.34 -0.24 3.08
CA PRO A 367 -11.02 -0.46 3.67
C PRO A 367 -11.05 -1.11 5.05
N GLY A 368 -12.21 -1.47 5.56
CA GLY A 368 -12.35 -2.14 6.83
C GLY A 368 -12.42 -3.65 6.75
N LEU A 369 -11.99 -4.25 5.65
CA LEU A 369 -12.12 -5.69 5.46
C LEU A 369 -11.33 -6.47 6.52
N ALA A 370 -10.09 -6.05 6.77
CA ALA A 370 -9.25 -6.77 7.72
C ALA A 370 -9.81 -6.72 9.13
N PHE A 371 -10.22 -5.53 9.58
CA PHE A 371 -10.69 -5.34 10.94
C PHE A 371 -12.08 -5.91 11.17
N ILE A 372 -12.76 -6.37 10.12
CA ILE A 372 -14.02 -7.09 10.25
C ILE A 372 -13.85 -8.58 10.05
N ALA A 373 -12.81 -9.01 9.32
CA ALA A 373 -12.57 -10.42 9.06
C ALA A 373 -11.76 -11.08 10.18
N TYR A 374 -10.64 -10.47 10.57
CA TYR A 374 -9.78 -11.08 11.57
C TYR A 374 -10.47 -11.31 12.91
N PRO A 375 -11.19 -10.36 13.50
CA PRO A 375 -11.82 -10.63 14.81
C PRO A 375 -12.77 -11.81 14.79
N LYS A 376 -13.54 -11.98 13.72
CA LYS A 376 -14.45 -13.12 13.64
C LYS A 376 -13.70 -14.44 13.56
N ALA A 377 -12.50 -14.45 12.98
CA ALA A 377 -11.70 -15.67 12.93
C ALA A 377 -11.06 -15.96 14.29
N VAL A 378 -10.57 -14.93 14.97
CA VAL A 378 -9.87 -15.14 16.24
C VAL A 378 -10.82 -15.33 17.42
N THR A 379 -12.10 -14.97 17.27
CA THR A 379 -13.03 -15.18 18.38
C THR A 379 -13.29 -16.64 18.67
N MET A 380 -13.42 -17.48 17.63
CA MET A 380 -13.60 -18.92 17.81
C MET A 380 -12.31 -19.66 18.16
N MET A 381 -11.18 -19.24 17.60
CA MET A 381 -9.94 -19.96 17.81
C MET A 381 -9.45 -19.76 19.24
N PRO A 382 -9.03 -20.83 19.93
CA PRO A 382 -8.85 -20.75 21.39
C PRO A 382 -7.75 -19.78 21.81
N LEU A 383 -7.90 -19.28 23.04
CA LEU A 383 -7.02 -18.29 23.67
C LEU A 383 -7.01 -17.01 22.83
N PRO A 384 -8.14 -16.31 22.73
CA PRO A 384 -8.20 -15.14 21.83
C PRO A 384 -7.25 -14.02 22.18
N THR A 385 -6.99 -13.79 23.47
CA THR A 385 -6.28 -12.58 23.88
C THR A 385 -4.83 -12.59 23.44
N PHE A 386 -4.10 -13.68 23.73
CA PHE A 386 -2.68 -13.72 23.41
C PHE A 386 -2.45 -13.68 21.91
N TRP A 387 -3.25 -14.44 21.16
CA TRP A 387 -3.11 -14.45 19.70
C TRP A 387 -3.50 -13.11 19.10
N SER A 388 -4.50 -12.44 19.68
CA SER A 388 -4.87 -11.10 19.21
C SER A 388 -3.73 -10.12 19.45
N ILE A 389 -3.10 -10.18 20.62
CA ILE A 389 -1.98 -9.29 20.92
C ILE A 389 -0.85 -9.52 19.94
N LEU A 390 -0.50 -10.79 19.72
CA LEU A 390 0.58 -11.12 18.79
C LEU A 390 0.24 -10.68 17.37
N PHE A 391 -1.00 -10.89 16.95
CA PHE A 391 -1.43 -10.52 15.62
C PHE A 391 -1.32 -9.02 15.41
N PHE A 392 -1.81 -8.23 16.37
CA PHE A 392 -1.79 -6.78 16.20
C PHE A 392 -0.37 -6.23 16.33
N ILE A 393 0.48 -6.83 17.17
CA ILE A 393 1.86 -6.37 17.20
C ILE A 393 2.57 -6.72 15.89
N MET A 394 2.18 -7.83 15.25
CA MET A 394 2.74 -8.16 13.94
C MET A 394 2.29 -7.17 12.86
N LEU A 395 1.02 -6.77 12.91
CA LEU A 395 0.55 -5.72 12.00
C LEU A 395 1.30 -4.42 12.23
N LEU A 396 1.52 -4.05 13.50
CA LEU A 396 2.29 -2.86 13.81
C LEU A 396 3.72 -2.99 13.29
N LEU A 397 4.32 -4.17 13.39
CA LEU A 397 5.67 -4.36 12.87
C LEU A 397 5.71 -4.10 11.37
N LEU A 398 4.79 -4.71 10.61
CA LEU A 398 4.78 -4.51 9.17
C LEU A 398 4.56 -3.05 8.82
N GLY A 399 3.51 -2.45 9.39
CA GLY A 399 3.22 -1.06 9.10
C GLY A 399 4.35 -0.13 9.46
N LEU A 400 4.97 -0.37 10.61
CA LEU A 400 6.08 0.47 11.06
C LEU A 400 7.26 0.35 10.11
N ASP A 401 7.65 -0.87 9.76
CA ASP A 401 8.83 -1.00 8.91
C ASP A 401 8.56 -0.32 7.57
N SER A 402 7.38 -0.52 7.02
CA SER A 402 7.05 0.15 5.77
C SER A 402 7.04 1.65 5.97
N GLN A 403 6.48 2.10 7.09
CA GLN A 403 6.39 3.54 7.34
C GLN A 403 7.76 4.19 7.45
N PHE A 404 8.70 3.60 8.17
CA PHE A 404 9.98 4.29 8.31
C PHE A 404 10.85 4.15 7.07
N VAL A 405 10.67 3.07 6.31
CA VAL A 405 11.38 2.96 5.04
C VAL A 405 10.95 4.09 4.09
N GLU A 406 9.64 4.31 3.98
CA GLU A 406 9.15 5.38 3.12
C GLU A 406 9.58 6.75 3.64
N VAL A 407 9.57 6.93 4.97
CA VAL A 407 9.99 8.20 5.55
C VAL A 407 11.47 8.44 5.28
N GLU A 408 12.30 7.41 5.42
CA GLU A 408 13.72 7.54 5.12
C GLU A 408 13.93 7.92 3.67
N GLY A 409 13.20 7.27 2.76
CA GLY A 409 13.34 7.59 1.34
C GLY A 409 12.96 9.02 1.03
N GLN A 410 11.82 9.47 1.55
CA GLN A 410 11.37 10.82 1.26
C GLN A 410 12.29 11.86 1.89
N ILE A 411 12.76 11.62 3.11
CA ILE A 411 13.65 12.57 3.75
C ILE A 411 15.00 12.61 3.03
N THR A 412 15.47 11.47 2.55
CA THR A 412 16.69 11.45 1.75
C THR A 412 16.52 12.26 0.48
N SER A 413 15.37 12.11 -0.18
CA SER A 413 15.12 12.91 -1.39
C SER A 413 15.10 14.40 -1.07
N LEU A 414 14.42 14.78 0.02
CA LEU A 414 14.33 16.20 0.37
C LEU A 414 15.70 16.77 0.74
N VAL A 415 16.52 16.03 1.48
CA VAL A 415 17.83 16.55 1.85
C VAL A 415 18.75 16.59 0.65
N ASP A 416 18.61 15.66 -0.29
CA ASP A 416 19.39 15.70 -1.52
C ASP A 416 18.94 16.84 -2.43
N LEU A 417 17.70 17.30 -2.28
CA LEU A 417 17.24 18.44 -3.08
C LEU A 417 18.09 19.68 -2.81
N TYR A 418 18.41 19.94 -1.55
CA TYR A 418 19.25 21.08 -1.17
C TYR A 418 20.29 20.62 -0.16
N PRO A 419 21.51 20.32 -0.60
CA PRO A 419 22.54 19.82 0.32
C PRO A 419 23.35 20.93 0.97
N SER A 420 23.26 22.15 0.44
CA SER A 420 24.05 23.26 0.99
C SER A 420 23.56 23.65 2.38
N PHE A 421 22.25 23.64 2.60
CA PHE A 421 21.67 24.07 3.87
C PHE A 421 21.68 22.97 4.92
N LEU A 422 22.06 21.75 4.56
CA LEU A 422 21.93 20.62 5.47
C LEU A 422 23.24 19.85 5.57
N ARG A 423 23.47 19.27 6.75
CA ARG A 423 24.62 18.43 7.01
C ARG A 423 24.23 17.38 8.04
N LYS A 424 24.87 16.22 7.98
CA LYS A 424 24.56 15.13 8.89
C LYS A 424 24.95 15.53 10.32
N GLY A 425 23.95 15.66 11.18
CA GLY A 425 24.18 16.06 12.55
C GLY A 425 22.89 16.53 13.20
N TYR A 426 23.04 17.53 14.08
CA TYR A 426 21.88 18.06 14.81
C TYR A 426 20.88 18.76 13.90
N ARG A 427 21.31 19.19 12.71
CA ARG A 427 20.44 19.94 11.82
C ARG A 427 19.28 19.12 11.25
N ARG A 428 19.38 17.79 11.28
CA ARG A 428 18.29 16.95 10.79
C ARG A 428 17.06 17.05 11.67
N GLU A 429 17.21 17.47 12.93
CA GLU A 429 16.09 17.56 13.84
C GLU A 429 15.03 18.53 13.32
N ILE A 430 15.46 19.66 12.77
CA ILE A 430 14.51 20.67 12.30
C ILE A 430 13.61 20.10 11.22
N PHE A 431 14.21 19.51 10.17
CA PHE A 431 13.43 19.02 9.05
C PHE A 431 12.81 17.66 9.29
N ILE A 432 13.12 16.98 10.40
CA ILE A 432 12.33 15.82 10.78
C ILE A 432 11.13 16.21 11.62
N ALA A 433 11.33 17.07 12.62
CA ALA A 433 10.23 17.52 13.46
C ALA A 433 9.20 18.30 12.65
N PHE A 434 9.66 19.15 11.72
CA PHE A 434 8.75 19.95 10.91
C PHE A 434 7.83 19.04 10.08
N VAL A 435 8.42 18.06 9.39
CA VAL A 435 7.62 17.18 8.55
C VAL A 435 6.71 16.31 9.40
N CYS A 436 7.21 15.80 10.53
CA CYS A 436 6.37 14.98 11.40
C CYS A 436 5.16 15.77 11.92
N SER A 437 5.40 17.00 12.35
CA SER A 437 4.29 17.82 12.86
C SER A 437 3.30 18.18 11.76
N ILE A 438 3.80 18.51 10.56
CA ILE A 438 2.89 18.84 9.46
C ILE A 438 2.03 17.64 9.11
N SER A 439 2.64 16.46 9.02
CA SER A 439 1.88 15.26 8.69
C SER A 439 0.88 14.92 9.79
N TYR A 440 1.29 15.07 11.06
CA TYR A 440 0.37 14.80 12.16
C TYR A 440 -0.83 15.74 12.13
N LEU A 441 -0.60 17.02 11.86
CA LEU A 441 -1.69 17.99 11.84
C LEU A 441 -2.60 17.74 10.64
N LEU A 442 -2.01 17.44 9.47
CA LEU A 442 -2.80 17.25 8.26
C LEU A 442 -3.62 15.97 8.33
N GLY A 443 -3.09 14.91 8.95
CA GLY A 443 -3.81 13.66 9.07
C GLY A 443 -4.82 13.63 10.18
N LEU A 444 -5.08 14.76 10.83
CA LEU A 444 -6.06 14.86 11.89
C LEU A 444 -7.48 14.97 11.37
N THR A 445 -7.66 15.10 10.06
CA THR A 445 -8.98 15.23 9.44
C THR A 445 -9.60 13.90 9.06
N MET A 446 -8.93 12.78 9.33
CA MET A 446 -9.45 11.46 9.05
C MET A 446 -9.75 10.66 10.30
N VAL A 447 -9.37 11.15 11.48
CA VAL A 447 -9.70 10.48 12.73
C VAL A 447 -10.94 11.06 13.38
N THR A 448 -11.44 12.19 12.90
CA THR A 448 -12.71 12.74 13.36
C THR A 448 -13.87 11.87 12.88
N GLU A 449 -15.00 12.00 13.56
CA GLU A 449 -16.21 11.34 13.08
C GLU A 449 -16.60 11.89 11.72
N GLY A 450 -16.84 11.00 10.77
CA GLY A 450 -16.97 11.39 9.38
C GLY A 450 -15.67 11.50 8.62
N GLY A 451 -14.54 11.14 9.25
CA GLY A 451 -13.26 11.19 8.55
C GLY A 451 -13.01 9.95 7.71
N MET A 452 -13.88 8.95 7.82
CA MET A 452 -13.77 7.74 7.01
C MET A 452 -13.90 8.08 5.53
N TYR A 453 -14.81 8.99 5.20
CA TYR A 453 -15.07 9.33 3.80
C TYR A 453 -13.84 9.98 3.16
N VAL A 454 -13.18 10.88 3.89
CA VAL A 454 -11.96 11.50 3.37
C VAL A 454 -10.89 10.44 3.18
N PHE A 455 -10.82 9.46 4.09
CA PHE A 455 -9.86 8.38 3.95
C PHE A 455 -10.13 7.55 2.69
N GLN A 456 -11.40 7.26 2.43
CA GLN A 456 -11.74 6.50 1.23
C GLN A 456 -11.42 7.30 -0.04
N LEU A 457 -11.67 8.61 -0.02
CA LEU A 457 -11.30 9.46 -1.14
C LEU A 457 -9.79 9.41 -1.37
N PHE A 458 -9.01 9.52 -0.29
CA PHE A 458 -7.56 9.41 -0.41
C PHE A 458 -7.14 8.06 -0.99
N ASP A 459 -7.75 6.98 -0.50
CA ASP A 459 -7.40 5.65 -0.98
C ASP A 459 -7.69 5.49 -2.46
N TYR A 460 -8.84 6.00 -2.91
CA TYR A 460 -9.22 5.82 -4.30
C TYR A 460 -8.38 6.68 -5.23
N TYR A 461 -8.13 7.93 -4.87
CA TYR A 461 -7.49 8.86 -5.79
C TYR A 461 -6.00 9.05 -5.52
N ALA A 462 -5.64 9.42 -4.30
CA ALA A 462 -4.25 9.72 -3.99
C ALA A 462 -3.39 8.46 -3.99
N ALA A 463 -2.22 8.54 -4.62
CA ALA A 463 -1.23 7.47 -4.61
C ALA A 463 -1.80 6.16 -5.17
N SER A 464 -2.66 6.30 -6.18
CA SER A 464 -3.25 5.15 -6.87
C SER A 464 -3.99 5.65 -8.09
N GLY A 465 -4.34 4.71 -8.96
CA GLY A 465 -5.13 5.03 -10.13
C GLY A 465 -4.35 5.62 -11.28
N VAL A 466 -4.77 6.80 -11.75
CA VAL A 466 -4.24 7.36 -12.99
C VAL A 466 -2.81 7.86 -12.79
N CYS A 467 -2.49 8.34 -11.59
CA CYS A 467 -1.16 8.91 -11.36
C CYS A 467 -0.06 7.87 -11.49
N LEU A 468 -0.26 6.69 -10.91
CA LEU A 468 0.74 5.63 -10.99
C LEU A 468 0.95 5.18 -12.43
N LEU A 469 -0.15 4.99 -13.18
CA LEU A 469 -0.02 4.60 -14.58
C LEU A 469 0.67 5.68 -15.39
N TRP A 470 0.34 6.95 -15.13
CA TRP A 470 0.99 8.06 -15.80
C TRP A 470 2.50 8.02 -15.58
N VAL A 471 2.92 7.92 -14.33
CA VAL A 471 4.35 7.98 -14.01
C VAL A 471 5.08 6.78 -14.59
N ALA A 472 4.49 5.58 -14.46
CA ALA A 472 5.15 4.38 -14.96
C ALA A 472 5.25 4.38 -16.48
N PHE A 473 4.17 4.80 -17.16
CA PHE A 473 4.22 4.89 -18.61
C PHE A 473 5.29 5.85 -19.06
N PHE A 474 5.39 7.02 -18.42
CA PHE A 474 6.44 7.94 -18.81
C PHE A 474 7.83 7.38 -18.53
N GLU A 475 8.01 6.69 -17.41
CA GLU A 475 9.31 6.08 -17.11
C GLU A 475 9.72 5.09 -18.19
N CYS A 476 8.83 4.15 -18.52
CA CYS A 476 9.15 3.16 -19.53
C CYS A 476 9.37 3.81 -20.89
N PHE A 477 8.54 4.79 -21.24
CA PHE A 477 8.67 5.46 -22.52
C PHE A 477 10.03 6.13 -22.65
N VAL A 478 10.43 6.91 -21.65
CA VAL A 478 11.70 7.62 -21.75
C VAL A 478 12.86 6.63 -21.79
N ILE A 479 12.86 5.65 -20.88
CA ILE A 479 14.01 4.75 -20.78
C ILE A 479 14.13 3.90 -22.05
N ALA A 480 13.01 3.65 -22.73
CA ALA A 480 13.06 2.79 -23.90
C ALA A 480 13.38 3.58 -25.17
N TRP A 481 12.83 4.79 -25.31
CA TRP A 481 12.87 5.49 -26.59
C TRP A 481 13.75 6.73 -26.57
N ILE A 482 14.51 6.99 -25.51
CA ILE A 482 15.47 8.08 -25.55
C ILE A 482 16.87 7.56 -25.23
N TYR A 483 17.03 6.97 -24.05
CA TYR A 483 18.33 6.44 -23.67
C TYR A 483 18.67 5.19 -24.47
N GLY A 484 17.69 4.29 -24.64
CA GLY A 484 17.91 3.08 -25.41
C GLY A 484 18.20 1.87 -24.56
N GLY A 485 17.51 0.76 -24.83
CA GLY A 485 17.77 -0.46 -24.07
C GLY A 485 19.15 -1.04 -24.36
N ASP A 486 19.65 -0.83 -25.57
CA ASP A 486 20.96 -1.33 -25.95
C ASP A 486 22.06 -0.72 -25.08
N ASN A 487 21.94 0.58 -24.79
CA ASN A 487 22.89 1.24 -23.92
C ASN A 487 22.89 0.62 -22.53
N LEU A 488 21.70 0.33 -22.01
CA LEU A 488 21.61 -0.29 -20.69
C LEU A 488 22.20 -1.70 -20.70
N TYR A 489 21.95 -2.48 -21.76
CA TYR A 489 22.56 -3.80 -21.84
C TYR A 489 24.08 -3.71 -21.85
N ASP A 490 24.62 -2.78 -22.64
CA ASP A 490 26.08 -2.61 -22.67
C ASP A 490 26.61 -2.18 -21.31
N GLY A 491 25.87 -1.30 -20.61
CA GLY A 491 26.32 -0.85 -19.31
C GLY A 491 26.27 -1.95 -18.26
N ILE A 492 25.29 -2.84 -18.34
CA ILE A 492 25.14 -3.87 -17.32
C ILE A 492 25.86 -5.16 -17.66
N GLU A 493 26.38 -5.31 -18.88
CA GLU A 493 27.09 -6.54 -19.22
C GLU A 493 28.31 -6.73 -18.33
N ASP A 494 29.15 -5.70 -18.21
CA ASP A 494 30.36 -5.82 -17.40
C ASP A 494 30.02 -5.93 -15.92
N MET A 495 29.02 -5.17 -15.47
CA MET A 495 28.62 -5.23 -14.06
C MET A 495 28.09 -6.60 -13.69
N ILE A 496 27.12 -7.10 -14.45
CA ILE A 496 26.53 -8.40 -14.16
C ILE A 496 27.53 -9.52 -14.47
N GLY A 497 28.22 -9.42 -15.61
CA GLY A 497 29.01 -10.51 -16.12
C GLY A 497 28.26 -11.43 -17.06
N TYR A 498 26.97 -11.21 -17.26
CA TYR A 498 26.14 -12.03 -18.14
C TYR A 498 25.21 -11.11 -18.93
N ARG A 499 24.85 -11.55 -20.13
CA ARG A 499 23.95 -10.77 -20.98
C ARG A 499 22.53 -11.26 -20.78
N PRO A 500 21.63 -10.44 -20.24
CA PRO A 500 20.24 -10.89 -20.02
C PRO A 500 19.56 -11.21 -21.34
N GLY A 501 18.56 -12.09 -21.27
CA GLY A 501 17.81 -12.49 -22.44
C GLY A 501 17.00 -11.35 -23.00
N PRO A 502 16.52 -11.50 -24.24
CA PRO A 502 15.78 -10.41 -24.88
C PRO A 502 14.39 -10.24 -24.28
N TRP A 503 14.35 -9.71 -23.06
CA TRP A 503 13.09 -9.52 -22.36
C TRP A 503 13.03 -8.19 -21.62
N MET A 504 14.08 -7.37 -21.70
CA MET A 504 14.04 -6.01 -21.20
C MET A 504 13.90 -4.97 -22.29
N LYS A 505 13.97 -5.36 -23.57
CA LYS A 505 13.74 -4.43 -24.66
C LYS A 505 12.32 -4.49 -25.21
N TYR A 506 11.73 -5.68 -25.29
CA TYR A 506 10.36 -5.84 -25.76
C TYR A 506 9.34 -5.74 -24.64
N SER A 507 9.80 -5.47 -23.41
CA SER A 507 8.92 -5.20 -22.29
C SER A 507 8.98 -3.77 -21.77
N TRP A 508 10.05 -3.04 -22.08
CA TRP A 508 10.16 -1.64 -21.70
C TRP A 508 9.61 -0.69 -22.75
N ALA A 509 9.40 -1.17 -23.98
CA ALA A 509 9.02 -0.30 -25.08
C ALA A 509 7.67 -0.61 -25.71
N VAL A 510 7.14 -1.82 -25.53
CA VAL A 510 5.92 -2.21 -26.21
C VAL A 510 4.86 -2.65 -25.21
N ILE A 511 5.24 -3.58 -24.32
CA ILE A 511 4.24 -4.23 -23.47
C ILE A 511 3.66 -3.26 -22.46
N THR A 512 4.49 -2.47 -21.79
CA THR A 512 4.00 -1.60 -20.72
C THR A 512 3.27 -0.36 -21.24
N PRO A 513 3.82 0.38 -22.22
CA PRO A 513 3.10 1.58 -22.68
C PRO A 513 1.70 1.30 -23.19
N VAL A 514 1.49 0.19 -23.89
CA VAL A 514 0.16 -0.13 -24.40
C VAL A 514 -0.81 -0.39 -23.25
N LEU A 515 -0.39 -1.22 -22.29
CA LEU A 515 -1.27 -1.53 -21.16
C LEU A 515 -1.47 -0.33 -20.23
N CYS A 516 -0.63 0.70 -20.32
CA CYS A 516 -0.90 1.91 -19.56
C CYS A 516 -1.88 2.81 -20.31
N VAL A 517 -1.58 3.12 -21.58
CA VAL A 517 -2.39 4.07 -22.32
C VAL A 517 -3.78 3.53 -22.58
N GLY A 518 -3.92 2.22 -22.83
CA GLY A 518 -5.24 1.67 -23.07
C GLY A 518 -6.13 1.77 -21.84
N CYS A 519 -5.59 1.41 -20.67
CA CYS A 519 -6.36 1.52 -19.44
C CYS A 519 -6.72 2.97 -19.14
N PHE A 520 -5.79 3.90 -19.35
CA PHE A 520 -6.10 5.30 -19.09
C PHE A 520 -7.18 5.82 -20.01
N ILE A 521 -7.10 5.49 -21.30
CA ILE A 521 -8.10 5.94 -22.27
C ILE A 521 -9.46 5.33 -21.95
N PHE A 522 -9.49 4.03 -21.64
CA PHE A 522 -10.76 3.39 -21.31
C PHE A 522 -11.37 3.96 -20.03
N SER A 523 -10.53 4.31 -19.05
CA SER A 523 -11.04 4.97 -17.85
C SER A 523 -11.66 6.32 -18.18
N LEU A 524 -11.01 7.09 -19.07
CA LEU A 524 -11.58 8.38 -19.45
C LEU A 524 -12.90 8.21 -20.18
N VAL A 525 -12.95 7.30 -21.17
CA VAL A 525 -14.14 7.17 -22.00
C VAL A 525 -15.30 6.60 -21.21
N LYS A 526 -15.06 5.52 -20.45
CA LYS A 526 -16.09 4.89 -19.64
C LYS A 526 -15.90 5.35 -18.21
N TYR A 527 -16.80 6.21 -17.74
CA TYR A 527 -16.70 6.84 -16.44
C TYR A 527 -17.83 6.37 -15.53
N VAL A 528 -17.47 6.04 -14.28
CA VAL A 528 -18.44 5.68 -13.25
C VAL A 528 -18.09 6.46 -11.99
N PRO A 529 -19.03 7.20 -11.41
CA PRO A 529 -18.72 7.95 -10.19
C PRO A 529 -18.38 7.03 -9.02
N LEU A 530 -17.46 7.50 -8.17
CA LEU A 530 -17.03 6.72 -7.03
C LEU A 530 -18.11 6.67 -5.97
N THR A 531 -18.38 5.48 -5.44
CA THR A 531 -19.41 5.28 -4.43
C THR A 531 -18.82 4.55 -3.23
N TYR A 532 -19.37 4.82 -2.06
CA TYR A 532 -18.92 4.19 -0.82
C TYR A 532 -19.96 3.19 -0.35
N ASN A 533 -19.55 1.92 -0.22
CA ASN A 533 -20.41 0.84 0.26
C ASN A 533 -21.64 0.67 -0.62
N LYS A 534 -21.55 1.09 -1.89
CA LYS A 534 -22.59 0.93 -2.89
C LYS A 534 -23.88 1.65 -2.51
N THR A 535 -23.86 2.45 -1.45
CA THR A 535 -25.07 3.12 -1.00
C THR A 535 -24.91 4.64 -1.07
N TYR A 536 -23.86 5.17 -0.46
CA TYR A 536 -23.68 6.61 -0.38
C TYR A 536 -23.32 7.17 -1.75
N VAL A 537 -23.83 8.37 -2.03
CA VAL A 537 -23.52 9.11 -3.25
C VAL A 537 -22.78 10.37 -2.85
N TYR A 538 -21.56 10.52 -3.35
CA TYR A 538 -20.72 11.63 -2.92
C TYR A 538 -21.18 12.94 -3.56
N PRO A 539 -21.04 14.06 -2.86
CA PRO A 539 -21.32 15.37 -3.46
C PRO A 539 -20.32 15.66 -4.58
N ASN A 540 -20.78 16.49 -5.53
CA ASN A 540 -19.97 16.79 -6.71
C ASN A 540 -18.66 17.48 -6.32
N TRP A 541 -18.70 18.37 -5.33
CA TRP A 541 -17.46 19.04 -4.91
C TRP A 541 -16.48 18.05 -4.30
N ALA A 542 -16.97 16.98 -3.66
CA ALA A 542 -16.07 15.96 -3.15
C ALA A 542 -15.33 15.25 -4.30
N ILE A 543 -16.06 14.92 -5.36
CA ILE A 543 -15.42 14.29 -6.52
C ILE A 543 -14.43 15.26 -7.17
N GLY A 544 -14.78 16.55 -7.20
CA GLY A 544 -13.83 17.54 -7.70
C GLY A 544 -12.58 17.60 -6.86
N LEU A 545 -12.73 17.53 -5.53
CA LEU A 545 -11.58 17.53 -4.65
C LEU A 545 -10.70 16.32 -4.88
N GLY A 546 -11.30 15.14 -5.04
CA GLY A 546 -10.52 13.94 -5.31
C GLY A 546 -9.81 14.00 -6.65
N TRP A 547 -10.49 14.51 -7.68
CA TRP A 547 -9.85 14.65 -8.97
C TRP A 547 -8.71 15.66 -8.92
N SER A 548 -8.87 16.72 -8.13
CA SER A 548 -7.77 17.65 -7.92
C SER A 548 -6.61 16.98 -7.19
N LEU A 549 -6.92 16.10 -6.23
CA LEU A 549 -5.87 15.37 -5.53
C LEU A 549 -5.06 14.52 -6.49
N ALA A 550 -5.74 13.84 -7.41
CA ALA A 550 -5.02 13.04 -8.41
C ALA A 550 -4.27 13.91 -9.41
N LEU A 551 -4.90 15.01 -9.85
CA LEU A 551 -4.30 15.88 -10.86
C LEU A 551 -3.10 16.63 -10.33
N SER A 552 -3.03 16.88 -9.02
CA SER A 552 -1.83 17.51 -8.46
C SER A 552 -0.61 16.65 -8.71
N SER A 553 -0.74 15.33 -8.56
CA SER A 553 0.36 14.44 -8.88
C SER A 553 0.54 14.29 -10.39
N MET A 554 -0.56 14.22 -11.13
CA MET A 554 -0.46 14.02 -12.59
C MET A 554 0.28 15.16 -13.26
N LEU A 555 -0.01 16.40 -12.86
CA LEU A 555 0.44 17.59 -13.57
C LEU A 555 1.92 17.91 -13.33
N CYS A 556 2.61 17.13 -12.50
CA CYS A 556 4.02 17.40 -12.22
C CYS A 556 4.87 17.29 -13.46
N VAL A 557 4.60 16.32 -14.33
CA VAL A 557 5.42 16.07 -15.51
C VAL A 557 5.25 17.18 -16.54
N PRO A 558 4.04 17.50 -17.02
CA PRO A 558 3.92 18.58 -18.02
C PRO A 558 4.43 19.92 -17.52
N LEU A 559 4.27 20.19 -16.21
CA LEU A 559 4.75 21.46 -15.67
C LEU A 559 6.26 21.57 -15.80
N VAL A 560 6.99 20.53 -15.37
CA VAL A 560 8.45 20.60 -15.48
C VAL A 560 8.86 20.61 -16.94
N ILE A 561 8.13 19.90 -17.81
CA ILE A 561 8.47 19.93 -19.23
C ILE A 561 8.37 21.34 -19.79
N VAL A 562 7.26 22.03 -19.49
CA VAL A 562 7.09 23.37 -20.04
C VAL A 562 8.06 24.35 -19.41
N ILE A 563 8.41 24.17 -18.12
CA ILE A 563 9.38 25.05 -17.49
C ILE A 563 10.75 24.90 -18.15
N ARG A 564 11.18 23.64 -18.36
CA ARG A 564 12.47 23.43 -19.00
C ARG A 564 12.45 23.87 -20.46
N LEU A 565 11.30 23.78 -21.12
CA LEU A 565 11.20 24.29 -22.49
C LEU A 565 11.32 25.80 -22.53
N CYS A 566 10.73 26.49 -21.55
CA CYS A 566 10.84 27.94 -21.49
C CYS A 566 12.28 28.39 -21.32
N GLN A 567 13.03 27.72 -20.44
CA GLN A 567 14.43 28.05 -20.21
C GLN A 567 15.15 26.89 -19.54
C1 NAG B . -26.35 -6.01 28.59
C2 NAG B . -26.77 -4.97 29.62
C3 NAG B . -25.99 -5.15 30.93
C4 NAG B . -26.13 -6.58 31.42
C5 NAG B . -25.73 -7.56 30.33
C6 NAG B . -25.94 -9.00 30.72
C7 NAG B . -25.44 -3.07 28.74
C8 NAG B . -25.50 -1.67 28.24
N2 NAG B . -26.61 -3.61 29.10
O3 NAG B . -26.49 -4.25 31.90
O4 NAG B . -25.28 -6.77 32.56
O5 NAG B . -26.52 -7.32 29.15
O6 NAG B . -27.24 -9.45 30.33
O7 NAG B . -24.38 -3.69 28.82
C1 NAG C . -31.39 -21.41 17.80
C2 NAG C . -30.62 -22.66 17.30
C3 NAG C . -29.11 -22.51 17.50
C4 NAG C . -28.79 -21.48 18.59
C5 NAG C . -29.82 -21.59 19.70
C6 NAG C . -29.49 -20.73 20.90
C7 NAG C . -31.78 -24.83 17.30
C8 NAG C . -32.01 -24.60 15.83
N2 NAG C . -31.11 -23.86 17.94
O3 NAG C . -28.50 -22.12 16.28
O4 NAG C . -27.50 -21.72 19.12
O5 NAG C . -31.10 -21.17 19.22
O6 NAG C . -28.09 -20.63 21.09
O7 NAG C . -32.18 -25.84 17.86
C1 NAG D . -37.19 -4.64 9.60
C2 NAG D . -37.18 -3.15 9.95
C3 NAG D . -38.27 -2.42 9.19
C4 NAG D . -38.19 -2.72 7.70
C5 NAG D . -38.14 -4.23 7.46
C6 NAG D . -37.94 -4.59 6.00
C7 NAG D . -38.35 -3.31 12.12
C8 NAG D . -38.28 -2.99 13.59
N2 NAG D . -37.30 -2.93 11.39
O3 NAG D . -38.16 -1.02 9.41
O4 NAG D . -39.31 -2.17 7.02
O5 NAG D . -37.04 -4.81 8.19
O6 NAG D . -39.18 -4.91 5.38
O7 NAG D . -39.32 -3.89 11.65
CL CL E . 0.72 -7.94 -4.76
CAA Y01 F . -0.85 23.68 -7.34
CBA Y01 F . -1.73 22.44 -7.30
CAB Y01 F . -2.66 22.42 -8.50
CAN Y01 F . -0.93 21.15 -7.22
CAJ Y01 F . -0.25 20.84 -5.88
CAO Y01 F . 1.20 21.33 -5.78
CBB Y01 F . 2.29 20.34 -6.23
CAC Y01 F . 1.70 18.95 -6.44
CBE Y01 F . 3.07 20.87 -7.44
CAP Y01 F . 2.32 22.00 -8.17
CAQ Y01 F . 3.40 22.85 -8.87
CBG Y01 F . 4.70 22.08 -8.64
CBI Y01 F . 4.50 21.43 -7.26
CAE Y01 F . 4.55 22.47 -6.12
CAU Y01 F . 5.62 20.40 -7.09
CAS Y01 F . 7.01 21.03 -7.24
CBF Y01 F . 7.19 21.81 -8.55
CBD Y01 F . 6.05 22.80 -8.80
CAK Y01 F . 6.17 23.39 -10.20
CAI Y01 F . 7.57 23.69 -10.60
CAZ Y01 F . 8.65 23.30 -9.94
CAV Y01 F . 10.03 23.66 -10.44
CBH Y01 F . 8.59 22.47 -8.66
CAD Y01 F . 8.89 23.38 -7.47
CAT Y01 F . 9.66 21.37 -8.75
CAR Y01 F . 10.18 21.18 -10.18
CBC Y01 F . 10.88 22.42 -10.67
OAW Y01 F . 12.13 22.57 -9.93
CAY Y01 F . 13.20 23.00 -10.61
OAG Y01 F . 13.52 22.58 -11.69
CAM Y01 F . 13.95 24.05 -9.85
CAL Y01 F . 14.65 25.07 -10.74
CAX Y01 F . 15.83 24.50 -11.48
OAH Y01 F . 16.64 23.76 -10.96
OAF Y01 F . 15.89 24.88 -12.73
CAA Y01 G . 3.20 17.08 3.37
CBA Y01 G . 2.96 18.11 2.29
CAB Y01 G . 3.42 19.49 2.75
CAN Y01 G . 3.61 17.73 0.97
CAJ Y01 G . 3.27 18.61 -0.22
CAO Y01 G . 4.03 18.26 -1.50
CBB Y01 G . 5.56 18.41 -1.41
CAC Y01 G . 6.24 17.07 -1.73
CBE Y01 G . 6.04 19.56 -2.31
CAP Y01 G . 5.21 20.85 -2.08
CAQ Y01 G . 6.16 22.04 -2.28
CBG Y01 G . 7.40 21.41 -2.92
CBI Y01 G . 7.51 20.04 -2.23
CAE Y01 G . 7.97 20.19 -0.77
CAU Y01 G . 8.55 19.23 -3.03
CAS Y01 G . 9.89 19.96 -3.15
CBF Y01 G . 9.77 21.38 -3.72
CBD Y01 G . 8.71 22.20 -2.98
CAK Y01 G . 8.49 23.53 -3.70
CAI Y01 G . 9.78 24.18 -4.07
CAZ Y01 G . 10.96 23.59 -4.12
CAV Y01 G . 12.20 24.35 -4.51
CBH Y01 G . 11.15 22.11 -3.81
CAD Y01 G . 11.93 21.99 -2.49
CAT Y01 G . 11.97 21.46 -4.94
CAR Y01 G . 13.27 22.21 -5.23
CBC Y01 G . 12.97 23.64 -5.60
OAW Y01 G . 14.25 24.34 -5.81
CAY Y01 G . 14.27 25.68 -5.70
OAG Y01 G . 14.60 26.27 -4.71
CAM Y01 G . 13.87 26.34 -6.99
CAL Y01 G . 12.48 26.93 -6.97
CAX Y01 G . 12.22 27.81 -5.78
OAH Y01 G . 11.18 27.46 -5.09
OAF Y01 G . 12.92 28.77 -5.51
NA NA H . 6.90 -3.49 4.82
C01 A1EBD I . 4.58 -0.45 0.45
C02 A1EBD I . 4.64 1.00 -0.02
C04 A1EBD I . 2.23 0.98 -0.42
C05 A1EBD I . 2.17 -0.48 0.05
C06 A1EBD I . 3.25 -0.79 0.99
N03 A1EBD I . 3.56 1.32 -0.96
O08 A1EBD I . 4.58 -3.05 1.79
O09 A1EBD I . 2.41 -2.85 2.61
O10 A1EBD I . 2.69 -3.34 0.18
S07 A1EBD I . 3.22 -2.56 1.37
#